data_5WMK
#
_entry.id   5WMK
#
_cell.length_a   116.498
_cell.length_b   64.891
_cell.length_c   51.933
_cell.angle_alpha   90.00
_cell.angle_beta   105.87
_cell.angle_gamma   90.00
#
_symmetry.space_group_name_H-M   'C 1 2 1'
#
loop_
_entity.id
_entity.type
_entity.pdbx_description
1 polymer 'Bifunctional aspartate aminotransferase and glutamate/aspartate-prephenate aminotransferase'
2 non-polymer 'MALONATE ION'
3 non-polymer 'BORIC ACID'
4 water water
#
_entity_poly.entity_id   1
_entity_poly.type   'polypeptide(L)'
_entity_poly.pdbx_seq_one_letter_code
;MASQSSVAVISSAAARGESFPDSKKPIGSVRFQQPLRLSFSYCKSGNMSSRICAMAKPNDAETLSSSVDMSLSPRVQSLK
PSKVMVITDLAATLVQSGVPVIRLAAGEPDFDTPKVVAEAGINAIREGFTRYTLNAGITELREAICRKLKEENGLSYAPD
QILVSNGAVQSLLQAVLAVCSPGDEVIIPAPYWVSYTEQARLADATPVVIPTKISNNFLLDPKDLESKLTEKSRLLILCS
PSNPTGSVYPKSLLEEIARIIAKHPRLLVLSDEIYEHIIYAPATHTSFASLPDMYERTLTVNGFSKAFAMTGWRLGYLAG
PKHIVAACSKLQGQVSSGASSIAQKAGVAALGLGKAGGETVAEMVKAYRERRDFLVKSLGDIKGVKISEPQGAFYLFIDF
SAYYGSEAEGFGLINDSSSLALYFLDKFQVAMVPGDAFGDDSCIRISYATSLDVLQAAVEKIRKALEPLRATVSV
;
_entity_poly.pdbx_strand_id   A
#
# COMPACT_ATOMS: atom_id res chain seq x y z
N SER A 71 22.57 20.56 12.15
CA SER A 71 23.26 20.30 10.89
C SER A 71 22.31 19.78 9.81
N LEU A 72 21.21 19.13 10.22
CA LEU A 72 20.12 18.77 9.32
C LEU A 72 18.83 19.42 9.84
N SER A 73 17.87 19.59 8.94
CA SER A 73 16.60 20.16 9.37
C SER A 73 15.94 19.25 10.39
N PRO A 74 15.20 19.80 11.35
CA PRO A 74 14.47 18.94 12.29
C PRO A 74 13.57 17.93 11.61
N ARG A 75 12.85 18.32 10.57
CA ARG A 75 11.90 17.36 9.99
C ARG A 75 12.62 16.19 9.34
N VAL A 76 13.74 16.44 8.67
CA VAL A 76 14.45 15.34 8.06
C VAL A 76 15.26 14.56 9.10
N GLN A 77 15.80 15.24 10.10
CA GLN A 77 16.53 14.54 11.16
C GLN A 77 15.62 13.55 11.89
N SER A 78 14.39 13.96 12.20
N SER A 78 14.39 13.97 12.21
CA SER A 78 13.49 13.14 12.99
CA SER A 78 13.48 13.15 12.99
C SER A 78 12.71 12.14 12.15
C SER A 78 12.77 12.08 12.15
N LEU A 79 12.76 12.22 10.83
CA LEU A 79 12.07 11.27 9.98
C LEU A 79 12.59 9.86 10.21
N LYS A 80 11.67 8.89 10.36
CA LYS A 80 12.06 7.50 10.48
C LYS A 80 12.38 6.94 9.09
N PRO A 81 13.41 6.12 8.97
CA PRO A 81 13.62 5.41 7.70
C PRO A 81 12.53 4.37 7.48
N SER A 82 12.23 4.13 6.21
CA SER A 82 11.28 3.08 5.88
C SER A 82 11.94 1.71 6.06
N LYS A 83 11.42 0.91 7.01
CA LYS A 83 11.97 -0.42 7.21
C LYS A 83 11.73 -1.32 6.01
N VAL A 84 10.69 -1.06 5.25
CA VAL A 84 10.47 -1.84 4.02
C VAL A 84 11.65 -1.61 3.07
N MET A 85 12.04 -0.35 2.88
N MET A 85 12.05 -0.35 2.89
CA MET A 85 13.16 -0.07 1.99
CA MET A 85 13.16 -0.04 2.01
C MET A 85 14.46 -0.58 2.59
C MET A 85 14.47 -0.56 2.58
N VAL A 86 14.69 -0.35 3.89
CA VAL A 86 15.95 -0.76 4.50
C VAL A 86 16.14 -2.27 4.37
N ILE A 87 15.11 -3.04 4.70
N ILE A 87 15.11 -3.04 4.71
CA ILE A 87 15.24 -4.50 4.69
CA ILE A 87 15.25 -4.49 4.69
C ILE A 87 15.30 -5.03 3.27
C ILE A 87 15.31 -5.02 3.26
N THR A 88 14.47 -4.49 2.37
CA THR A 88 14.50 -4.93 0.98
C THR A 88 15.88 -4.67 0.36
N ASP A 89 16.42 -3.47 0.58
CA ASP A 89 17.73 -3.14 0.05
C ASP A 89 18.81 -4.04 0.66
N LEU A 90 18.70 -4.33 1.96
CA LEU A 90 19.67 -5.18 2.63
C LEU A 90 19.66 -6.59 2.07
N ALA A 91 18.46 -7.16 1.88
CA ALA A 91 18.37 -8.49 1.32
C ALA A 91 18.90 -8.53 -0.10
N ALA A 92 18.60 -7.50 -0.90
CA ALA A 92 19.15 -7.47 -2.26
C ALA A 92 20.67 -7.42 -2.22
N THR A 93 21.22 -6.66 -1.28
CA THR A 93 22.67 -6.55 -1.17
C THR A 93 23.29 -7.87 -0.71
N LEU A 94 22.63 -8.58 0.21
CA LEU A 94 23.13 -9.88 0.64
C LEU A 94 23.18 -10.86 -0.51
N VAL A 95 22.10 -10.92 -1.30
CA VAL A 95 22.08 -11.83 -2.45
C VAL A 95 23.24 -11.52 -3.38
N GLN A 96 23.50 -10.25 -3.64
CA GLN A 96 24.61 -9.87 -4.50
C GLN A 96 25.95 -10.30 -3.92
N SER A 97 26.11 -10.21 -2.61
CA SER A 97 27.36 -10.66 -1.99
C SER A 97 27.54 -12.17 -2.04
N GLY A 98 26.55 -12.91 -2.53
CA GLY A 98 26.64 -14.36 -2.59
C GLY A 98 25.93 -15.10 -1.49
N VAL A 99 25.05 -14.45 -0.74
CA VAL A 99 24.28 -15.09 0.31
C VAL A 99 22.83 -15.19 -0.18
N PRO A 100 22.34 -16.38 -0.51
CA PRO A 100 20.94 -16.48 -0.93
C PRO A 100 20.01 -16.06 0.20
N VAL A 101 18.97 -15.32 -0.16
CA VAL A 101 17.96 -14.87 0.79
C VAL A 101 16.60 -15.04 0.13
N ILE A 102 15.65 -15.60 0.87
CA ILE A 102 14.27 -15.60 0.43
C ILE A 102 13.67 -14.24 0.73
N ARG A 103 13.27 -13.52 -0.32
CA ARG A 103 12.91 -12.11 -0.23
C ARG A 103 11.39 -11.99 -0.14
N LEU A 104 10.89 -11.77 1.08
CA LEU A 104 9.47 -11.61 1.35
C LEU A 104 9.19 -10.25 1.99
N ALA A 105 10.02 -9.25 1.70
CA ALA A 105 9.88 -7.94 2.32
C ALA A 105 9.00 -7.04 1.45
N ALA A 106 9.58 -6.25 0.55
CA ALA A 106 8.76 -5.38 -0.28
C ALA A 106 7.78 -6.19 -1.12
N GLY A 107 6.59 -5.64 -1.31
CA GLY A 107 5.55 -6.31 -2.06
C GLY A 107 5.69 -6.08 -3.55
N GLU A 108 6.36 -7.00 -4.22
CA GLU A 108 6.76 -6.84 -5.62
C GLU A 108 6.22 -7.96 -6.48
N PRO A 109 5.27 -7.68 -7.39
CA PRO A 109 4.79 -8.72 -8.29
C PRO A 109 5.93 -9.44 -8.98
N ASP A 110 5.81 -10.77 -9.08
CA ASP A 110 6.77 -11.56 -9.83
C ASP A 110 6.39 -11.74 -11.29
N PHE A 111 5.22 -11.24 -11.69
CA PHE A 111 4.85 -11.18 -13.09
C PHE A 111 5.66 -10.10 -13.80
N ASP A 112 5.97 -10.36 -15.07
CA ASP A 112 6.41 -9.29 -15.94
C ASP A 112 5.30 -8.27 -16.15
N THR A 113 5.71 -7.06 -16.53
CA THR A 113 4.74 -6.13 -17.07
C THR A 113 4.04 -6.78 -18.26
N PRO A 114 2.71 -6.70 -18.34
CA PRO A 114 2.00 -7.36 -19.45
C PRO A 114 2.52 -6.95 -20.82
N LYS A 115 2.45 -7.90 -21.75
CA LYS A 115 3.06 -7.73 -23.08
C LYS A 115 2.64 -6.43 -23.75
N VAL A 116 1.34 -6.16 -23.82
CA VAL A 116 0.90 -4.98 -24.56
C VAL A 116 1.33 -3.70 -23.87
N VAL A 117 1.47 -3.73 -22.54
CA VAL A 117 1.93 -2.56 -21.80
C VAL A 117 3.41 -2.32 -22.07
N ALA A 118 4.22 -3.37 -21.97
CA ALA A 118 5.64 -3.25 -22.27
C ALA A 118 5.85 -2.77 -23.70
N GLU A 119 5.08 -3.31 -24.65
N GLU A 119 5.07 -3.30 -24.64
CA GLU A 119 5.25 -2.89 -26.03
CA GLU A 119 5.21 -2.90 -26.04
C GLU A 119 4.92 -1.40 -26.20
C GLU A 119 4.86 -1.44 -26.26
N ALA A 120 3.90 -0.91 -25.49
CA ALA A 120 3.57 0.51 -25.59
C ALA A 120 4.73 1.36 -25.09
N GLY A 121 5.42 0.90 -24.04
CA GLY A 121 6.60 1.62 -23.59
C GLY A 121 7.72 1.58 -24.61
N ILE A 122 7.97 0.41 -25.19
CA ILE A 122 8.99 0.29 -26.24
C ILE A 122 8.66 1.20 -27.42
N ASN A 123 7.39 1.18 -27.86
CA ASN A 123 6.98 2.01 -28.99
C ASN A 123 7.13 3.48 -28.67
N ALA A 124 6.85 3.88 -27.42
CA ALA A 124 7.07 5.28 -27.06
C ALA A 124 8.52 5.68 -27.26
N ILE A 125 9.45 4.81 -26.87
CA ILE A 125 10.87 5.11 -27.08
C ILE A 125 11.19 5.15 -28.57
N ARG A 126 10.76 4.13 -29.31
CA ARG A 126 11.08 4.05 -30.72
C ARG A 126 10.54 5.23 -31.50
N GLU A 127 9.40 5.76 -31.10
CA GLU A 127 8.77 6.87 -31.82
C GLU A 127 9.17 8.24 -31.28
N GLY A 128 10.16 8.31 -30.40
CA GLY A 128 10.65 9.59 -29.91
C GLY A 128 9.75 10.30 -28.94
N PHE A 129 8.90 9.57 -28.21
CA PHE A 129 8.01 10.19 -27.23
C PHE A 129 8.78 10.38 -25.93
N THR A 130 9.76 11.29 -26.00
CA THR A 130 10.72 11.54 -24.94
C THR A 130 10.82 13.04 -24.64
N ARG A 131 9.88 13.85 -25.12
CA ARG A 131 9.91 15.29 -24.99
C ARG A 131 9.08 15.75 -23.79
N TYR A 132 8.82 17.05 -23.74
CA TYR A 132 8.00 17.62 -22.68
C TYR A 132 6.58 17.06 -22.76
N THR A 133 6.01 16.74 -21.60
CA THR A 133 4.60 16.37 -21.49
C THR A 133 3.90 17.32 -20.55
N LEU A 134 2.59 17.49 -20.74
CA LEU A 134 1.80 18.33 -19.86
C LEU A 134 2.08 17.96 -18.41
N ASN A 135 2.21 18.98 -17.56
CA ASN A 135 2.61 18.77 -16.18
C ASN A 135 1.73 17.73 -15.49
N ALA A 136 0.42 17.84 -15.64
CA ALA A 136 -0.48 16.97 -14.89
C ALA A 136 -0.65 15.59 -15.51
N GLY A 137 -0.04 15.35 -16.67
CA GLY A 137 -0.14 14.09 -17.36
C GLY A 137 -0.72 14.27 -18.74
N ILE A 138 -0.30 13.43 -19.68
CA ILE A 138 -0.82 13.53 -21.04
C ILE A 138 -2.33 13.35 -21.06
N THR A 139 -2.98 14.07 -21.98
CA THR A 139 -4.44 14.09 -22.04
C THR A 139 -5.03 12.70 -22.20
N GLU A 140 -4.43 11.89 -23.08
N GLU A 140 -4.44 11.89 -23.08
CA GLU A 140 -4.94 10.55 -23.34
CA GLU A 140 -5.00 10.56 -23.33
C GLU A 140 -4.97 9.72 -22.07
C GLU A 140 -4.96 9.70 -22.07
N LEU A 141 -3.98 9.91 -21.21
CA LEU A 141 -3.93 9.13 -19.96
C LEU A 141 -4.94 9.62 -18.94
N ARG A 142 -5.04 10.94 -18.77
CA ARG A 142 -6.04 11.45 -17.82
C ARG A 142 -7.44 11.11 -18.26
N GLU A 143 -7.73 11.17 -19.57
CA GLU A 143 -9.06 10.77 -20.03
C GLU A 143 -9.31 9.29 -19.81
N ALA A 144 -8.32 8.44 -20.08
CA ALA A 144 -8.48 7.02 -19.81
C ALA A 144 -8.67 6.75 -18.31
N ILE A 145 -7.98 7.50 -17.45
CA ILE A 145 -8.19 7.35 -16.02
C ILE A 145 -9.62 7.71 -15.63
N CYS A 146 -10.16 8.79 -16.21
CA CYS A 146 -11.54 9.14 -15.92
C CYS A 146 -12.49 8.03 -16.32
N ARG A 147 -12.25 7.39 -17.47
CA ARG A 147 -13.10 6.30 -17.90
C ARG A 147 -13.01 5.13 -16.93
N LYS A 148 -11.81 4.82 -16.46
CA LYS A 148 -11.64 3.74 -15.49
C LYS A 148 -12.38 4.04 -14.19
N LEU A 149 -12.28 5.28 -13.71
CA LEU A 149 -12.92 5.62 -12.45
C LEU A 149 -14.44 5.54 -12.55
N LYS A 150 -15.02 5.85 -13.71
CA LYS A 150 -16.45 5.68 -13.90
C LYS A 150 -16.82 4.19 -14.03
N GLU A 151 -16.14 3.46 -14.91
N GLU A 151 -16.14 3.47 -14.93
CA GLU A 151 -16.57 2.10 -15.21
CA GLU A 151 -16.53 2.10 -15.23
C GLU A 151 -16.31 1.14 -14.06
C GLU A 151 -16.33 1.18 -14.03
N GLU A 152 -15.22 1.33 -13.33
CA GLU A 152 -14.87 0.41 -12.25
C GLU A 152 -15.33 0.87 -10.89
N ASN A 153 -15.35 2.18 -10.64
CA ASN A 153 -15.60 2.68 -9.30
C ASN A 153 -16.87 3.51 -9.17
N GLY A 154 -17.54 3.82 -10.28
CA GLY A 154 -18.75 4.61 -10.24
C GLY A 154 -18.53 6.08 -9.94
N LEU A 155 -17.34 6.60 -10.23
CA LEU A 155 -16.98 7.97 -9.89
C LEU A 155 -16.88 8.80 -11.16
N SER A 156 -17.35 10.05 -11.09
CA SER A 156 -17.38 10.97 -12.23
CA SER A 156 -17.39 10.97 -12.23
C SER A 156 -16.38 12.10 -11.99
N TYR A 157 -15.28 12.07 -12.72
CA TYR A 157 -14.26 13.11 -12.66
C TYR A 157 -14.04 13.67 -14.06
N ALA A 158 -13.78 14.98 -14.12
CA ALA A 158 -13.29 15.60 -15.34
C ALA A 158 -11.78 15.39 -15.45
N PRO A 159 -11.23 15.46 -16.65
CA PRO A 159 -9.78 15.23 -16.80
C PRO A 159 -8.91 16.18 -16.03
N ASP A 160 -9.37 17.39 -15.73
CA ASP A 160 -8.55 18.29 -14.92
C ASP A 160 -8.71 18.06 -13.43
N GLN A 161 -9.43 17.01 -13.03
CA GLN A 161 -9.43 16.54 -11.65
C GLN A 161 -8.50 15.37 -11.44
N ILE A 162 -7.66 15.05 -12.42
CA ILE A 162 -6.70 13.95 -12.34
C ILE A 162 -5.30 14.56 -12.37
N LEU A 163 -4.44 14.14 -11.45
CA LEU A 163 -3.04 14.53 -11.47
C LEU A 163 -2.20 13.27 -11.48
N VAL A 164 -1.41 13.09 -12.54
CA VAL A 164 -0.54 11.93 -12.69
C VAL A 164 0.84 12.27 -12.16
N SER A 165 1.43 11.36 -11.38
CA SER A 165 2.71 11.60 -10.72
C SER A 165 3.61 10.39 -10.84
N ASN A 166 4.85 10.53 -10.35
CA ASN A 166 5.87 9.49 -10.35
C ASN A 166 5.61 8.49 -9.22
N GLY A 167 4.56 7.72 -9.39
CA GLY A 167 4.19 6.74 -8.38
C GLY A 167 3.12 7.26 -7.44
N ALA A 168 2.35 6.33 -6.89
CA ALA A 168 1.25 6.70 -6.01
C ALA A 168 1.74 7.26 -4.68
N VAL A 169 2.96 6.93 -4.26
CA VAL A 169 3.48 7.47 -3.01
C VAL A 169 3.64 8.98 -3.12
N GLN A 170 4.07 9.46 -4.30
CA GLN A 170 4.14 10.90 -4.54
C GLN A 170 2.76 11.53 -4.59
N SER A 171 1.79 10.81 -5.19
CA SER A 171 0.41 11.31 -5.20
C SER A 171 -0.08 11.53 -3.78
N LEU A 172 0.16 10.56 -2.90
CA LEU A 172 -0.27 10.66 -1.51
C LEU A 172 0.39 11.84 -0.82
N LEU A 173 1.70 11.96 -0.97
CA LEU A 173 2.43 13.01 -0.28
C LEU A 173 1.91 14.39 -0.66
N GLN A 174 1.71 14.61 -1.97
CA GLN A 174 1.27 15.94 -2.41
C GLN A 174 -0.13 16.26 -1.88
N ALA A 175 -1.01 15.27 -1.83
CA ALA A 175 -2.32 15.47 -1.21
C ALA A 175 -2.18 15.88 0.25
N VAL A 176 -1.36 15.16 1.02
CA VAL A 176 -1.16 15.51 2.42
C VAL A 176 -0.62 16.92 2.56
N LEU A 177 0.43 17.24 1.80
CA LEU A 177 1.04 18.57 1.88
C LEU A 177 0.05 19.66 1.50
N ALA A 178 -0.85 19.38 0.55
CA ALA A 178 -1.77 20.40 0.06
C ALA A 178 -2.86 20.74 1.08
N VAL A 179 -3.34 19.75 1.84
CA VAL A 179 -4.53 19.96 2.66
C VAL A 179 -4.25 20.12 4.15
N CYS A 180 -3.08 19.70 4.62
CA CYS A 180 -2.79 19.72 6.06
C CYS A 180 -1.97 20.96 6.40
N SER A 181 -2.52 21.80 7.27
CA SER A 181 -1.78 22.94 7.82
C SER A 181 -1.02 22.51 9.06
N PRO A 182 -0.02 23.28 9.47
CA PRO A 182 0.71 22.92 10.69
C PRO A 182 -0.24 22.75 11.86
N GLY A 183 -0.07 21.65 12.60
CA GLY A 183 -0.90 21.37 13.74
C GLY A 183 -2.17 20.61 13.44
N ASP A 184 -2.58 20.52 12.18
CA ASP A 184 -3.70 19.66 11.83
C ASP A 184 -3.39 18.22 12.23
N GLU A 185 -4.45 17.47 12.55
CA GLU A 185 -4.31 16.06 12.91
C GLU A 185 -4.68 15.16 11.73
N VAL A 186 -3.85 14.16 11.49
CA VAL A 186 -4.06 13.18 10.41
C VAL A 186 -4.34 11.86 11.10
N ILE A 187 -5.55 11.36 10.93
CA ILE A 187 -5.99 10.15 11.62
C ILE A 187 -5.60 8.94 10.79
N ILE A 188 -4.84 8.04 11.41
CA ILE A 188 -4.20 6.92 10.71
C ILE A 188 -4.48 5.63 11.46
N PRO A 189 -5.37 4.77 10.94
CA PRO A 189 -5.58 3.47 11.60
C PRO A 189 -4.33 2.62 11.49
N ALA A 190 -3.98 1.97 12.60
CA ALA A 190 -2.89 1.00 12.57
C ALA A 190 -3.48 -0.41 12.53
N PRO A 191 -2.77 -1.38 11.93
CA PRO A 191 -1.48 -1.24 11.26
C PRO A 191 -1.59 -0.37 10.02
N TYR A 192 -0.63 0.54 9.84
CA TYR A 192 -0.65 1.49 8.75
C TYR A 192 0.48 1.21 7.78
N TRP A 193 0.30 1.66 6.53
CA TRP A 193 1.43 1.58 5.61
C TRP A 193 2.56 2.46 6.11
N VAL A 194 3.78 2.04 5.81
CA VAL A 194 4.95 2.49 6.55
CA VAL A 194 4.98 2.50 6.54
C VAL A 194 5.14 4.00 6.51
N SER A 195 4.69 4.66 5.43
CA SER A 195 5.00 6.07 5.20
C SER A 195 3.91 7.04 5.65
N TYR A 196 2.74 6.56 6.06
CA TYR A 196 1.64 7.48 6.37
C TYR A 196 2.00 8.45 7.49
N THR A 197 2.55 7.94 8.60
CA THR A 197 2.85 8.84 9.70
C THR A 197 3.97 9.82 9.34
N GLU A 198 4.96 9.36 8.58
CA GLU A 198 6.09 10.21 8.23
C GLU A 198 5.67 11.30 7.26
N GLN A 199 4.75 11.00 6.34
CA GLN A 199 4.30 12.03 5.43
C GLN A 199 3.49 13.09 6.16
N ALA A 200 2.67 12.68 7.14
CA ALA A 200 1.99 13.66 7.97
C ALA A 200 2.99 14.57 8.67
N ARG A 201 4.06 14.00 9.23
CA ARG A 201 5.07 14.82 9.89
C ARG A 201 5.75 15.79 8.92
N LEU A 202 5.94 15.38 7.66
CA LEU A 202 6.58 16.28 6.71
C LEU A 202 5.73 17.52 6.43
N ALA A 203 4.41 17.42 6.63
CA ALA A 203 3.53 18.57 6.52
C ALA A 203 3.47 19.40 7.80
N ASP A 204 4.23 19.02 8.82
CA ASP A 204 4.11 19.64 10.13
C ASP A 204 2.76 19.34 10.78
N ALA A 205 2.15 18.23 10.39
CA ALA A 205 0.90 17.78 10.96
C ALA A 205 1.17 16.68 11.98
N THR A 206 0.14 16.38 12.78
CA THR A 206 0.27 15.48 13.91
C THR A 206 -0.42 14.17 13.58
N PRO A 207 0.30 13.06 13.49
CA PRO A 207 -0.36 11.76 13.32
C PRO A 207 -1.15 11.40 14.57
N VAL A 208 -2.37 10.93 14.36
CA VAL A 208 -3.21 10.40 15.42
C VAL A 208 -3.49 8.96 15.03
N VAL A 209 -2.78 8.03 15.66
CA VAL A 209 -2.84 6.62 15.27
C VAL A 209 -3.94 5.93 16.08
N ILE A 210 -4.76 5.15 15.38
CA ILE A 210 -5.84 4.41 16.03
C ILE A 210 -5.57 2.91 15.85
N PRO A 211 -5.13 2.21 16.89
CA PRO A 211 -4.88 0.77 16.73
C PRO A 211 -6.17 0.01 16.41
N THR A 212 -6.00 -1.08 15.68
CA THR A 212 -7.08 -2.04 15.43
C THR A 212 -6.61 -3.40 15.92
N LYS A 213 -7.53 -4.38 15.91
CA LYS A 213 -7.33 -5.66 16.55
C LYS A 213 -7.43 -6.80 15.54
N ILE A 214 -6.55 -7.80 15.68
CA ILE A 214 -6.59 -8.94 14.77
C ILE A 214 -7.94 -9.63 14.83
N SER A 215 -8.58 -9.65 16.00
CA SER A 215 -9.88 -10.31 16.14
C SER A 215 -10.98 -9.60 15.37
N ASN A 216 -10.79 -8.32 15.03
CA ASN A 216 -11.71 -7.57 14.20
C ASN A 216 -11.16 -7.40 12.78
N ASN A 217 -10.28 -8.30 12.35
CA ASN A 217 -9.67 -8.27 11.03
CA ASN A 217 -9.74 -8.25 11.00
C ASN A 217 -9.00 -6.94 10.73
N PHE A 218 -8.42 -6.33 11.77
CA PHE A 218 -7.65 -5.09 11.67
C PHE A 218 -8.44 -3.94 11.03
N LEU A 219 -9.75 -3.90 11.29
CA LEU A 219 -10.62 -2.86 10.75
C LEU A 219 -10.87 -1.80 11.79
N LEU A 220 -10.87 -0.54 11.35
CA LEU A 220 -11.15 0.59 12.24
C LEU A 220 -12.51 0.41 12.91
N ASP A 221 -12.53 0.54 14.24
CA ASP A 221 -13.78 0.59 14.99
C ASP A 221 -14.28 2.03 15.00
N PRO A 222 -15.45 2.33 14.45
CA PRO A 222 -15.91 3.73 14.41
C PRO A 222 -16.02 4.37 15.77
N LYS A 223 -16.25 3.59 16.83
CA LYS A 223 -16.25 4.17 18.17
C LYS A 223 -14.89 4.77 18.48
N ASP A 224 -13.81 4.12 18.06
CA ASP A 224 -12.48 4.64 18.31
C ASP A 224 -12.22 5.90 17.49
N LEU A 225 -12.71 5.93 16.24
CA LEU A 225 -12.62 7.14 15.45
C LEU A 225 -13.32 8.30 16.15
N GLU A 226 -14.56 8.07 16.62
CA GLU A 226 -15.28 9.10 17.35
C GLU A 226 -14.49 9.62 18.53
N SER A 227 -13.80 8.73 19.25
CA SER A 227 -13.11 9.14 20.46
C SER A 227 -11.85 9.96 20.17
N LYS A 228 -11.30 9.88 18.96
CA LYS A 228 -10.09 10.58 18.61
C LYS A 228 -10.32 11.86 17.82
N LEU A 229 -11.55 12.16 17.44
CA LEU A 229 -11.81 13.39 16.70
C LEU A 229 -11.65 14.60 17.60
N THR A 230 -11.03 15.64 17.06
CA THR A 230 -10.93 16.93 17.73
C THR A 230 -11.18 18.03 16.69
N GLU A 231 -11.19 19.28 17.14
CA GLU A 231 -11.34 20.37 16.18
C GLU A 231 -10.16 20.45 15.22
N LYS A 232 -9.05 19.78 15.53
CA LYS A 232 -7.89 19.78 14.65
C LYS A 232 -7.90 18.65 13.62
N SER A 233 -8.84 17.71 13.73
CA SER A 233 -8.87 16.60 12.78
C SER A 233 -9.08 17.12 11.37
N ARG A 234 -8.19 16.72 10.46
CA ARG A 234 -8.22 17.26 9.11
C ARG A 234 -8.27 16.17 8.04
N LEU A 235 -7.64 15.03 8.27
CA LEU A 235 -7.51 14.04 7.21
C LEU A 235 -7.53 12.66 7.82
N LEU A 236 -8.37 11.79 7.28
CA LEU A 236 -8.40 10.37 7.65
C LEU A 236 -7.84 9.58 6.47
N ILE A 237 -6.84 8.72 6.73
CA ILE A 237 -6.25 7.92 5.68
C ILE A 237 -6.80 6.51 5.75
N LEU A 238 -7.46 6.06 4.68
CA LEU A 238 -8.05 4.72 4.59
C LEU A 238 -7.41 3.97 3.44
N CYS A 239 -6.66 2.92 3.75
CA CYS A 239 -6.05 2.06 2.74
C CYS A 239 -6.86 0.79 2.63
N SER A 240 -7.47 0.55 1.46
CA SER A 240 -8.26 -0.64 1.28
C SER A 240 -8.23 -1.05 -0.19
N PRO A 241 -7.89 -2.30 -0.50
CA PRO A 241 -7.39 -3.32 0.44
C PRO A 241 -6.11 -2.79 1.12
N SER A 242 -5.90 -3.24 2.36
N SER A 242 -5.88 -3.22 2.36
CA SER A 242 -4.86 -2.66 3.21
CA SER A 242 -4.89 -2.57 3.21
C SER A 242 -3.50 -3.27 2.97
C SER A 242 -3.52 -3.24 3.08
N ASN A 243 -2.49 -2.41 2.93
CA ASN A 243 -1.12 -2.81 3.19
C ASN A 243 -0.83 -2.24 4.57
N PRO A 244 -0.50 -3.06 5.58
CA PRO A 244 0.06 -4.41 5.49
C PRO A 244 -0.86 -5.58 5.81
N THR A 245 -2.14 -5.35 6.12
CA THR A 245 -2.94 -6.45 6.67
C THR A 245 -3.70 -7.24 5.63
N GLY A 246 -3.91 -6.69 4.45
CA GLY A 246 -4.77 -7.36 3.49
C GLY A 246 -6.24 -7.27 3.79
N SER A 247 -6.65 -6.47 4.78
CA SER A 247 -8.06 -6.32 5.08
C SER A 247 -8.76 -5.47 4.03
N VAL A 248 -10.04 -5.75 3.83
CA VAL A 248 -10.91 -5.02 2.92
C VAL A 248 -12.05 -4.42 3.73
N TYR A 249 -12.23 -3.10 3.62
CA TYR A 249 -13.32 -2.43 4.31
C TYR A 249 -14.65 -2.76 3.63
N PRO A 250 -15.59 -3.38 4.32
CA PRO A 250 -16.89 -3.64 3.71
C PRO A 250 -17.67 -2.35 3.55
N LYS A 251 -18.59 -2.37 2.58
CA LYS A 251 -19.38 -1.18 2.29
C LYS A 251 -20.12 -0.67 3.53
N SER A 252 -20.71 -1.59 4.31
CA SER A 252 -21.49 -1.15 5.45
C SER A 252 -20.66 -0.36 6.45
N LEU A 253 -19.43 -0.82 6.71
CA LEU A 253 -18.54 -0.11 7.62
C LEU A 253 -18.10 1.24 7.03
N LEU A 254 -17.82 1.26 5.72
CA LEU A 254 -17.48 2.52 5.08
C LEU A 254 -18.63 3.51 5.17
N GLU A 255 -19.87 3.03 5.01
CA GLU A 255 -21.02 3.91 5.12
C GLU A 255 -21.14 4.49 6.52
N GLU A 256 -20.87 3.68 7.54
CA GLU A 256 -20.88 4.19 8.90
C GLU A 256 -19.81 5.25 9.11
N ILE A 257 -18.59 5.00 8.63
CA ILE A 257 -17.52 5.97 8.76
C ILE A 257 -17.88 7.26 8.03
N ALA A 258 -18.45 7.14 6.83
CA ALA A 258 -18.80 8.31 6.05
C ALA A 258 -19.80 9.19 6.79
N ARG A 259 -20.77 8.59 7.47
CA ARG A 259 -21.71 9.40 8.24
C ARG A 259 -21.02 10.19 9.33
N ILE A 260 -19.94 9.66 9.89
CA ILE A 260 -19.13 10.43 10.84
C ILE A 260 -18.42 11.57 10.13
N ILE A 261 -17.75 11.28 9.01
CA ILE A 261 -17.05 12.31 8.26
C ILE A 261 -17.99 13.46 7.93
N ALA A 262 -19.22 13.13 7.54
CA ALA A 262 -20.16 14.15 7.05
C ALA A 262 -20.51 15.17 8.11
N LYS A 263 -20.38 14.84 9.39
CA LYS A 263 -20.75 15.75 10.46
C LYS A 263 -19.63 16.72 10.81
N HIS A 264 -18.47 16.61 10.17
CA HIS A 264 -17.32 17.44 10.50
C HIS A 264 -16.84 18.16 9.24
N PRO A 265 -17.17 19.44 9.08
CA PRO A 265 -16.92 20.10 7.78
C PRO A 265 -15.45 20.17 7.37
N ARG A 266 -14.51 20.11 8.31
CA ARG A 266 -13.10 20.22 7.96
C ARG A 266 -12.49 18.89 7.55
N LEU A 267 -13.16 17.77 7.77
CA LEU A 267 -12.51 16.46 7.70
C LEU A 267 -12.55 15.93 6.27
N LEU A 268 -11.37 15.67 5.71
CA LEU A 268 -11.19 15.06 4.41
C LEU A 268 -10.76 13.61 4.58
N VAL A 269 -10.89 12.82 3.51
CA VAL A 269 -10.49 11.42 3.54
C VAL A 269 -9.55 11.17 2.36
N LEU A 270 -8.40 10.56 2.65
CA LEU A 270 -7.48 10.07 1.63
CA LEU A 270 -7.49 10.08 1.63
C LEU A 270 -7.75 8.58 1.48
N SER A 271 -8.29 8.18 0.34
CA SER A 271 -8.64 6.79 0.07
C SER A 271 -7.53 6.20 -0.81
N ASP A 272 -6.69 5.35 -0.22
CA ASP A 272 -5.55 4.73 -0.92
C ASP A 272 -6.02 3.41 -1.49
N GLU A 273 -6.27 3.37 -2.80
CA GLU A 273 -6.93 2.27 -3.48
C GLU A 273 -6.00 1.50 -4.42
N ILE A 274 -4.68 1.62 -4.22
CA ILE A 274 -3.74 1.02 -5.16
C ILE A 274 -3.87 -0.50 -5.27
N TYR A 275 -4.33 -1.18 -4.21
CA TYR A 275 -4.50 -2.63 -4.25
C TYR A 275 -5.88 -3.07 -4.71
N GLU A 276 -6.70 -2.13 -5.21
CA GLU A 276 -8.08 -2.38 -5.62
C GLU A 276 -8.32 -3.71 -6.31
N HIS A 277 -7.52 -4.03 -7.33
CA HIS A 277 -7.81 -5.20 -8.16
C HIS A 277 -7.27 -6.50 -7.56
N ILE A 278 -6.39 -6.40 -6.56
CA ILE A 278 -5.86 -7.59 -5.88
C ILE A 278 -6.79 -7.83 -4.73
N ILE A 279 -7.88 -8.55 -5.01
CA ILE A 279 -8.99 -8.69 -4.08
C ILE A 279 -9.60 -10.07 -4.30
N TYR A 280 -9.95 -10.73 -3.21
CA TYR A 280 -10.38 -12.13 -3.22
C TYR A 280 -11.86 -12.21 -2.90
N ALA A 281 -12.65 -12.64 -3.89
CA ALA A 281 -14.07 -12.82 -3.65
C ALA A 281 -14.26 -13.73 -2.44
N PRO A 282 -15.31 -13.52 -1.64
CA PRO A 282 -16.43 -12.60 -1.89
C PRO A 282 -16.21 -11.14 -1.50
N ALA A 283 -15.02 -10.76 -1.07
CA ALA A 283 -14.78 -9.35 -0.79
C ALA A 283 -14.92 -8.54 -2.07
N THR A 284 -15.38 -7.31 -1.93
CA THR A 284 -15.48 -6.39 -3.06
C THR A 284 -14.97 -5.02 -2.64
N HIS A 285 -14.54 -4.23 -3.63
CA HIS A 285 -13.94 -2.93 -3.40
C HIS A 285 -14.97 -1.84 -3.58
N THR A 286 -15.12 -0.98 -2.56
CA THR A 286 -15.99 0.19 -2.64
C THR A 286 -15.13 1.44 -2.52
N SER A 287 -15.13 2.29 -3.55
CA SER A 287 -14.37 3.53 -3.47
C SER A 287 -15.03 4.48 -2.48
N PHE A 288 -14.23 5.09 -1.61
CA PHE A 288 -14.83 5.94 -0.58
C PHE A 288 -15.59 7.11 -1.19
N ALA A 289 -15.10 7.64 -2.31
CA ALA A 289 -15.74 8.79 -2.93
C ALA A 289 -17.10 8.49 -3.52
N SER A 290 -17.51 7.22 -3.56
CA SER A 290 -18.82 6.85 -4.07
C SER A 290 -19.91 6.92 -3.00
N LEU A 291 -19.54 7.11 -1.74
CA LEU A 291 -20.48 7.07 -0.64
C LEU A 291 -21.21 8.40 -0.51
N PRO A 292 -22.40 8.40 0.07
CA PRO A 292 -23.17 9.64 0.19
C PRO A 292 -22.36 10.77 0.83
N ASP A 293 -22.42 11.94 0.21
CA ASP A 293 -21.78 13.17 0.67
C ASP A 293 -20.26 13.13 0.64
N MET A 294 -19.63 12.05 0.16
CA MET A 294 -18.20 11.91 0.31
C MET A 294 -17.39 12.38 -0.90
N TYR A 295 -18.02 12.55 -2.07
CA TYR A 295 -17.24 12.89 -3.25
C TYR A 295 -16.43 14.18 -3.04
N GLU A 296 -17.05 15.19 -2.43
CA GLU A 296 -16.39 16.48 -2.25
C GLU A 296 -15.35 16.46 -1.15
N ARG A 297 -15.24 15.39 -0.36
CA ARG A 297 -14.22 15.38 0.67
C ARG A 297 -13.20 14.27 0.50
N THR A 298 -13.21 13.57 -0.64
CA THR A 298 -12.35 12.42 -0.83
C THR A 298 -11.25 12.68 -1.84
N LEU A 299 -10.02 12.34 -1.46
CA LEU A 299 -8.88 12.34 -2.34
C LEU A 299 -8.58 10.90 -2.69
N THR A 300 -8.86 10.51 -3.93
CA THR A 300 -8.72 9.13 -4.36
C THR A 300 -7.33 8.92 -4.95
N VAL A 301 -6.56 8.01 -4.37
CA VAL A 301 -5.21 7.70 -4.85
C VAL A 301 -5.20 6.29 -5.41
N ASN A 302 -4.67 6.15 -6.62
CA ASN A 302 -4.59 4.84 -7.26
C ASN A 302 -3.35 4.84 -8.15
N GLY A 303 -3.16 3.75 -8.87
CA GLY A 303 -1.93 3.64 -9.64
C GLY A 303 -1.84 2.30 -10.33
N PHE A 304 -0.65 2.06 -10.90
CA PHE A 304 -0.45 0.98 -11.83
C PHE A 304 0.49 -0.10 -11.33
N SER A 305 1.28 0.17 -10.29
CA SER A 305 2.41 -0.70 -9.98
C SER A 305 1.96 -2.09 -9.56
N LYS A 306 0.89 -2.18 -8.77
CA LYS A 306 0.52 -3.45 -8.14
C LYS A 306 -0.37 -4.30 -9.04
N ALA A 307 -1.39 -3.69 -9.65
CA ALA A 307 -2.30 -4.44 -10.51
C ALA A 307 -1.61 -4.89 -11.78
N PHE A 308 -0.70 -4.09 -12.32
CA PHE A 308 -0.15 -4.32 -13.65
C PHE A 308 1.32 -4.70 -13.62
N ALA A 309 1.86 -5.04 -12.45
CA ALA A 309 3.26 -5.44 -12.34
C ALA A 309 4.17 -4.41 -13.00
N MET A 310 3.99 -3.15 -12.60
CA MET A 310 4.71 -2.01 -13.15
C MET A 310 5.56 -1.34 -12.08
N THR A 311 6.10 -2.14 -11.16
CA THR A 311 6.90 -1.65 -10.05
C THR A 311 7.89 -0.59 -10.50
N GLY A 312 8.78 -0.96 -11.41
CA GLY A 312 9.87 -0.08 -11.83
C GLY A 312 9.49 1.04 -12.77
N TRP A 313 8.22 1.16 -13.19
CA TRP A 313 7.84 2.21 -14.14
C TRP A 313 7.48 3.54 -13.48
N ARG A 314 6.87 3.50 -12.30
CA ARG A 314 6.57 4.71 -11.53
C ARG A 314 5.41 5.53 -12.12
N LEU A 315 4.17 5.10 -11.89
CA LEU A 315 3.00 5.78 -12.44
C LEU A 315 1.85 5.68 -11.45
N GLY A 316 1.47 6.82 -10.85
CA GLY A 316 0.34 6.87 -9.95
C GLY A 316 -0.49 8.11 -10.22
N TYR A 317 -1.64 8.21 -9.55
CA TYR A 317 -2.49 9.36 -9.79
C TYR A 317 -3.39 9.67 -8.60
N LEU A 318 -3.82 10.93 -8.55
CA LEU A 318 -4.79 11.45 -7.62
C LEU A 318 -6.00 11.92 -8.42
N ALA A 319 -7.19 11.59 -7.93
CA ALA A 319 -8.43 12.16 -8.43
C ALA A 319 -9.16 12.78 -7.25
N GLY A 320 -9.65 14.00 -7.39
CA GLY A 320 -10.31 14.65 -6.28
C GLY A 320 -10.99 15.94 -6.66
N PRO A 321 -11.44 16.68 -5.64
CA PRO A 321 -12.08 17.98 -5.89
C PRO A 321 -11.13 18.89 -6.66
N LYS A 322 -11.72 19.67 -7.57
CA LYS A 322 -10.93 20.49 -8.50
C LYS A 322 -9.96 21.41 -7.76
N HIS A 323 -10.41 22.08 -6.70
CA HIS A 323 -9.54 23.04 -6.03
C HIS A 323 -8.32 22.35 -5.41
N ILE A 324 -8.52 21.14 -4.88
CA ILE A 324 -7.40 20.45 -4.25
C ILE A 324 -6.45 19.92 -5.31
N VAL A 325 -6.99 19.32 -6.37
CA VAL A 325 -6.14 18.84 -7.46
C VAL A 325 -5.37 19.99 -8.08
N ALA A 326 -6.01 21.15 -8.26
CA ALA A 326 -5.29 22.29 -8.81
C ALA A 326 -4.11 22.69 -7.92
N ALA A 327 -4.30 22.67 -6.60
CA ALA A 327 -3.21 23.00 -5.70
C ALA A 327 -2.10 21.95 -5.78
N CYS A 328 -2.46 20.67 -5.82
CA CYS A 328 -1.45 19.62 -5.95
C CYS A 328 -0.69 19.75 -7.26
N SER A 329 -1.38 20.17 -8.33
CA SER A 329 -0.74 20.35 -9.62
C SER A 329 0.23 21.51 -9.60
N LYS A 330 -0.15 22.60 -8.93
CA LYS A 330 0.76 23.74 -8.79
C LYS A 330 2.02 23.34 -8.05
N LEU A 331 1.86 22.57 -6.97
CA LEU A 331 2.99 22.05 -6.22
C LEU A 331 3.85 21.16 -7.12
N GLN A 332 3.21 20.23 -7.84
CA GLN A 332 3.97 19.35 -8.71
C GLN A 332 4.79 20.12 -9.74
N GLY A 333 4.25 21.23 -10.26
CA GLY A 333 4.97 21.99 -11.25
C GLY A 333 6.24 22.63 -10.72
N GLN A 334 6.28 22.94 -9.43
CA GLN A 334 7.46 23.54 -8.82
C GLN A 334 8.44 22.51 -8.26
N VAL A 335 8.03 21.25 -8.14
CA VAL A 335 8.92 20.20 -7.65
C VAL A 335 9.18 19.12 -8.69
N SER A 336 8.53 19.19 -9.84
CA SER A 336 8.79 18.30 -10.98
C SER A 336 8.68 16.84 -10.55
N SER A 337 7.50 16.49 -10.02
CA SER A 337 7.20 15.15 -9.54
CA SER A 337 7.21 15.14 -9.55
C SER A 337 6.43 14.32 -10.56
N GLY A 338 6.46 14.71 -11.83
CA GLY A 338 5.68 14.02 -12.85
C GLY A 338 6.26 12.68 -13.26
N ALA A 339 5.45 11.92 -13.96
CA ALA A 339 5.84 10.61 -14.45
C ALA A 339 6.50 10.74 -15.82
N SER A 340 7.32 9.74 -16.15
CA SER A 340 8.01 9.76 -17.43
C SER A 340 7.01 9.64 -18.58
N SER A 341 7.41 10.20 -19.72
CA SER A 341 6.57 10.15 -20.90
C SER A 341 6.36 8.71 -21.34
N ILE A 342 7.39 7.88 -21.19
CA ILE A 342 7.33 6.47 -21.56
C ILE A 342 6.35 5.72 -20.68
N ALA A 343 6.42 5.97 -19.37
CA ALA A 343 5.50 5.28 -18.45
C ALA A 343 4.05 5.67 -18.74
N GLN A 344 3.81 6.94 -19.07
CA GLN A 344 2.45 7.40 -19.32
C GLN A 344 1.83 6.68 -20.51
N LYS A 345 2.60 6.47 -21.57
CA LYS A 345 2.11 5.70 -22.71
C LYS A 345 1.83 4.26 -22.31
N ALA A 346 2.70 3.67 -21.47
CA ALA A 346 2.43 2.34 -20.95
C ALA A 346 1.14 2.30 -20.14
N GLY A 347 0.88 3.34 -19.34
CA GLY A 347 -0.35 3.40 -18.56
C GLY A 347 -1.60 3.40 -19.42
N VAL A 348 -1.56 4.13 -20.54
CA VAL A 348 -2.72 4.12 -21.44
CA VAL A 348 -2.70 4.12 -21.46
C VAL A 348 -2.99 2.70 -21.93
N ALA A 349 -1.93 1.96 -22.29
CA ALA A 349 -2.11 0.58 -22.73
C ALA A 349 -2.63 -0.31 -21.62
N ALA A 350 -2.21 -0.08 -20.37
CA ALA A 350 -2.70 -0.89 -19.27
C ALA A 350 -4.20 -0.69 -19.08
N LEU A 351 -4.67 0.56 -19.14
CA LEU A 351 -6.10 0.81 -19.00
C LEU A 351 -6.86 0.27 -20.21
N GLY A 352 -6.19 0.14 -21.36
CA GLY A 352 -6.80 -0.46 -22.54
C GLY A 352 -7.03 -1.95 -22.44
N LEU A 353 -6.49 -2.61 -21.40
CA LEU A 353 -6.79 -4.02 -21.18
C LEU A 353 -8.25 -4.26 -20.80
N GLY A 354 -9.02 -3.20 -20.59
CA GLY A 354 -10.41 -3.34 -20.28
C GLY A 354 -10.69 -3.38 -18.78
N LYS A 355 -11.95 -3.67 -18.46
CA LYS A 355 -12.41 -3.50 -17.09
C LYS A 355 -11.63 -4.40 -16.14
N ALA A 356 -11.08 -3.80 -15.09
CA ALA A 356 -10.30 -4.49 -14.07
C ALA A 356 -9.08 -5.19 -14.63
N GLY A 357 -8.60 -4.77 -15.79
CA GLY A 357 -7.43 -5.41 -16.37
C GLY A 357 -7.71 -6.69 -17.10
N GLY A 358 -8.98 -7.09 -17.23
CA GLY A 358 -9.34 -8.23 -18.04
C GLY A 358 -8.65 -9.50 -17.59
N GLU A 359 -8.47 -10.41 -18.55
CA GLU A 359 -7.87 -11.71 -18.24
C GLU A 359 -6.42 -11.57 -17.81
N THR A 360 -5.73 -10.53 -18.25
CA THR A 360 -4.34 -10.31 -17.85
C THR A 360 -4.24 -10.18 -16.34
N VAL A 361 -5.05 -9.31 -15.75
CA VAL A 361 -5.00 -9.13 -14.31
C VAL A 361 -5.66 -10.30 -13.59
N ALA A 362 -6.67 -10.91 -14.21
CA ALA A 362 -7.35 -12.03 -13.56
C ALA A 362 -6.37 -13.16 -13.26
N GLU A 363 -5.43 -13.42 -14.18
CA GLU A 363 -4.44 -14.46 -13.89
C GLU A 363 -3.64 -14.12 -12.64
N MET A 364 -3.27 -12.85 -12.50
CA MET A 364 -2.49 -12.43 -11.34
C MET A 364 -3.26 -12.63 -10.05
N VAL A 365 -4.53 -12.21 -10.03
CA VAL A 365 -5.34 -12.33 -8.83
C VAL A 365 -5.50 -13.79 -8.44
N LYS A 366 -5.71 -14.66 -9.43
CA LYS A 366 -5.82 -16.09 -9.16
CA LYS A 366 -5.83 -16.09 -9.14
C LYS A 366 -4.53 -16.65 -8.57
N ALA A 367 -3.39 -16.24 -9.12
CA ALA A 367 -2.11 -16.71 -8.59
C ALA A 367 -1.90 -16.22 -7.17
N TYR A 368 -2.13 -14.93 -6.92
CA TYR A 368 -1.96 -14.41 -5.57
C TYR A 368 -2.90 -15.12 -4.59
N ARG A 369 -4.13 -15.43 -5.01
CA ARG A 369 -5.04 -16.12 -4.11
C ARG A 369 -4.54 -17.50 -3.74
N GLU A 370 -3.99 -18.24 -4.71
CA GLU A 370 -3.51 -19.57 -4.40
C GLU A 370 -2.28 -19.51 -3.50
N ARG A 371 -1.46 -18.47 -3.66
CA ARG A 371 -0.31 -18.30 -2.78
C ARG A 371 -0.76 -17.93 -1.37
N ARG A 372 -1.74 -17.03 -1.26
CA ARG A 372 -2.36 -16.72 0.03
C ARG A 372 -2.82 -18.00 0.71
N ASP A 373 -3.58 -18.81 -0.02
CA ASP A 373 -4.17 -20.00 0.59
C ASP A 373 -3.09 -20.96 1.09
N PHE A 374 -2.01 -21.12 0.30
CA PHE A 374 -0.94 -22.02 0.72
C PHE A 374 -0.27 -21.53 2.00
N LEU A 375 0.00 -20.21 2.08
CA LEU A 375 0.70 -19.67 3.24
C LEU A 375 -0.18 -19.72 4.48
N VAL A 376 -1.46 -19.36 4.34
CA VAL A 376 -2.36 -19.36 5.49
C VAL A 376 -2.51 -20.77 6.04
N LYS A 377 -2.67 -21.75 5.16
CA LYS A 377 -2.80 -23.13 5.61
C LYS A 377 -1.51 -23.62 6.26
N SER A 378 -0.37 -23.32 5.65
CA SER A 378 0.91 -23.82 6.16
C SER A 378 1.26 -23.21 7.51
N LEU A 379 1.14 -21.88 7.62
CA LEU A 379 1.56 -21.20 8.83
C LEU A 379 0.49 -21.20 9.90
N GLY A 380 -0.79 -21.26 9.51
CA GLY A 380 -1.85 -21.30 10.49
C GLY A 380 -1.86 -22.56 11.33
N ASP A 381 -1.12 -23.59 10.90
CA ASP A 381 -1.02 -24.85 11.63
C ASP A 381 -0.01 -24.78 12.77
N ILE A 382 0.82 -23.74 12.82
CA ILE A 382 1.89 -23.66 13.80
C ILE A 382 1.33 -23.19 15.14
N LYS A 383 1.72 -23.87 16.22
CA LYS A 383 1.21 -23.53 17.54
C LYS A 383 1.45 -22.06 17.85
N GLY A 384 0.41 -21.40 18.38
CA GLY A 384 0.51 -20.03 18.81
C GLY A 384 0.27 -18.98 17.75
N VAL A 385 0.44 -19.32 16.46
CA VAL A 385 0.33 -18.34 15.39
C VAL A 385 -1.12 -17.91 15.23
N LYS A 386 -1.33 -16.61 15.00
CA LYS A 386 -2.65 -16.05 14.77
C LYS A 386 -2.64 -15.30 13.44
N ILE A 387 -3.63 -15.58 12.60
CA ILE A 387 -3.69 -15.04 11.25
C ILE A 387 -5.07 -14.46 11.00
N SER A 388 -5.11 -13.24 10.47
CA SER A 388 -6.32 -12.70 9.85
C SER A 388 -6.21 -13.02 8.36
N GLU A 389 -7.10 -13.88 7.87
CA GLU A 389 -7.03 -14.26 6.47
C GLU A 389 -7.30 -13.01 5.63
N PRO A 390 -6.37 -12.59 4.79
CA PRO A 390 -6.57 -11.32 4.10
C PRO A 390 -7.56 -11.46 2.96
N GLN A 391 -8.29 -10.37 2.71
CA GLN A 391 -9.27 -10.30 1.66
C GLN A 391 -8.75 -9.61 0.40
N GLY A 392 -7.54 -9.07 0.45
CA GLY A 392 -6.95 -8.42 -0.72
C GLY A 392 -5.49 -8.12 -0.44
N ALA A 393 -4.85 -7.49 -1.43
CA ALA A 393 -3.42 -7.24 -1.45
C ALA A 393 -2.68 -8.58 -1.42
N PHE A 394 -1.36 -8.55 -1.22
CA PHE A 394 -0.57 -9.78 -1.22
C PHE A 394 0.38 -9.81 -0.03
N TYR A 395 -0.15 -9.48 1.15
CA TYR A 395 0.59 -9.53 2.40
C TYR A 395 -0.15 -10.36 3.45
N LEU A 396 0.60 -11.11 4.24
CA LEU A 396 0.10 -11.67 5.49
C LEU A 396 0.73 -10.88 6.63
N PHE A 397 -0.09 -10.45 7.59
CA PHE A 397 0.39 -9.73 8.76
C PHE A 397 0.19 -10.69 9.93
N ILE A 398 1.23 -11.47 10.23
CA ILE A 398 1.10 -12.67 11.06
C ILE A 398 1.51 -12.38 12.49
N ASP A 399 0.67 -12.80 13.43
CA ASP A 399 0.92 -12.58 14.86
C ASP A 399 1.69 -13.79 15.38
N PHE A 400 3.01 -13.62 15.53
CA PHE A 400 3.90 -14.59 16.19
C PHE A 400 4.19 -14.20 17.63
N SER A 401 3.45 -13.24 18.20
CA SER A 401 3.81 -12.67 19.50
C SER A 401 3.83 -13.70 20.63
N ALA A 402 3.09 -14.81 20.50
CA ALA A 402 3.15 -15.86 21.52
C ALA A 402 4.57 -16.39 21.71
N TYR A 403 5.44 -16.19 20.72
CA TYR A 403 6.82 -16.63 20.79
C TYR A 403 7.73 -15.63 21.49
N TYR A 404 7.25 -14.41 21.76
CA TYR A 404 8.09 -13.42 22.41
C TYR A 404 8.44 -13.89 23.82
N GLY A 405 9.71 -13.71 24.17
CA GLY A 405 10.28 -14.25 25.39
C GLY A 405 11.15 -15.47 25.14
N SER A 406 10.99 -16.11 23.98
CA SER A 406 11.77 -17.30 23.66
C SER A 406 13.25 -16.98 23.60
N GLU A 407 14.07 -17.93 24.05
CA GLU A 407 15.52 -17.86 23.90
C GLU A 407 15.93 -18.80 22.77
N ALA A 408 16.39 -18.24 21.65
CA ALA A 408 16.83 -19.03 20.51
C ALA A 408 18.32 -19.29 20.66
N GLU A 409 18.69 -20.55 20.85
CA GLU A 409 20.09 -20.89 20.98
C GLU A 409 20.86 -20.39 19.76
N GLY A 410 22.01 -19.76 20.01
CA GLY A 410 22.82 -19.20 18.95
C GLY A 410 22.42 -17.82 18.49
N PHE A 411 21.28 -17.30 18.94
CA PHE A 411 20.83 -15.96 18.57
C PHE A 411 20.60 -15.10 19.80
N GLY A 412 19.77 -15.57 20.74
CA GLY A 412 19.47 -14.83 21.93
C GLY A 412 17.99 -14.67 22.11
N LEU A 413 17.62 -13.71 22.97
CA LEU A 413 16.22 -13.44 23.25
C LEU A 413 15.50 -12.89 22.02
N ILE A 414 14.32 -13.43 21.75
CA ILE A 414 13.38 -12.89 20.78
C ILE A 414 12.23 -12.32 21.58
N ASN A 415 12.07 -11.00 21.57
CA ASN A 415 11.11 -10.34 22.46
C ASN A 415 10.26 -9.28 21.78
N ASP A 416 10.39 -9.09 20.47
CA ASP A 416 9.62 -8.08 19.76
C ASP A 416 9.70 -8.40 18.28
N SER A 417 9.00 -7.60 17.47
CA SER A 417 8.95 -7.92 16.05
C SER A 417 10.30 -7.69 15.38
N SER A 418 11.06 -6.69 15.82
CA SER A 418 12.37 -6.43 15.23
C SER A 418 13.33 -7.60 15.46
N SER A 419 13.37 -8.11 16.69
CA SER A 419 14.28 -9.22 16.98
C SER A 419 13.81 -10.50 16.31
N LEU A 420 12.50 -10.73 16.23
CA LEU A 420 12.02 -11.92 15.52
C LEU A 420 12.37 -11.84 14.04
N ALA A 421 12.15 -10.68 13.41
CA ALA A 421 12.52 -10.54 12.00
C ALA A 421 14.02 -10.72 11.80
N LEU A 422 14.83 -10.19 12.74
CA LEU A 422 16.27 -10.35 12.59
C LEU A 422 16.69 -11.81 12.74
N TYR A 423 16.05 -12.54 13.67
CA TYR A 423 16.31 -13.97 13.80
C TYR A 423 16.03 -14.71 12.49
N PHE A 424 14.87 -14.43 11.87
CA PHE A 424 14.55 -15.08 10.62
C PHE A 424 15.59 -14.74 9.54
N LEU A 425 16.05 -13.49 9.51
CA LEU A 425 16.96 -13.07 8.45
C LEU A 425 18.36 -13.62 8.68
N ASP A 426 18.91 -13.39 9.88
CA ASP A 426 20.31 -13.76 10.15
C ASP A 426 20.48 -15.26 10.27
N LYS A 427 19.51 -15.98 10.83
CA LYS A 427 19.68 -17.39 11.08
C LYS A 427 19.03 -18.29 10.04
N PHE A 428 18.04 -17.78 9.30
CA PHE A 428 17.37 -18.59 8.29
C PHE A 428 17.32 -17.96 6.91
N GLN A 429 17.87 -16.76 6.73
CA GLN A 429 17.96 -16.10 5.43
C GLN A 429 16.59 -15.96 4.78
N VAL A 430 15.60 -15.55 5.57
CA VAL A 430 14.27 -15.18 5.09
C VAL A 430 14.02 -13.74 5.54
N ALA A 431 13.80 -12.85 4.57
CA ALA A 431 13.64 -11.42 4.85
C ALA A 431 12.17 -11.05 4.89
N MET A 432 11.73 -10.53 6.04
CA MET A 432 10.36 -10.09 6.30
C MET A 432 10.44 -8.73 6.99
N VAL A 433 9.31 -8.06 7.15
CA VAL A 433 9.35 -6.72 7.72
C VAL A 433 8.66 -6.74 9.08
N PRO A 434 9.32 -6.29 10.15
CA PRO A 434 8.67 -6.32 11.47
C PRO A 434 7.48 -5.39 11.55
N GLY A 435 6.48 -5.84 12.32
CA GLY A 435 5.25 -5.09 12.46
C GLY A 435 5.41 -3.72 13.09
N ASP A 436 6.46 -3.51 13.88
CA ASP A 436 6.63 -2.18 14.47
C ASP A 436 6.73 -1.09 13.42
N ALA A 437 7.23 -1.41 12.22
CA ALA A 437 7.30 -0.43 11.14
C ALA A 437 5.91 0.06 10.74
N PHE A 438 4.88 -0.74 10.99
CA PHE A 438 3.51 -0.44 10.63
C PHE A 438 2.66 -0.08 11.84
N GLY A 439 3.30 0.15 12.99
CA GLY A 439 2.58 0.54 14.19
C GLY A 439 1.99 -0.60 15.00
N ASP A 440 2.41 -1.85 14.77
CA ASP A 440 1.88 -2.96 15.56
C ASP A 440 2.98 -4.00 15.74
N ASP A 441 3.63 -3.95 16.90
CA ASP A 441 4.75 -4.84 17.22
C ASP A 441 4.35 -6.30 17.40
N SER A 442 3.07 -6.63 17.38
CA SER A 442 2.66 -8.01 17.61
C SER A 442 2.85 -8.90 16.39
N CYS A 443 3.12 -8.33 15.21
CA CYS A 443 3.07 -9.06 13.96
C CYS A 443 4.34 -8.85 13.14
N ILE A 444 4.46 -9.68 12.10
CA ILE A 444 5.47 -9.53 11.06
C ILE A 444 4.77 -9.60 9.71
N ARG A 445 5.18 -8.72 8.79
CA ARG A 445 4.58 -8.73 7.46
C ARG A 445 5.39 -9.61 6.52
N ILE A 446 4.67 -10.49 5.82
CA ILE A 446 5.22 -11.35 4.77
C ILE A 446 4.54 -11.00 3.46
N SER A 447 5.33 -10.70 2.43
CA SER A 447 4.78 -10.54 1.09
C SER A 447 4.75 -11.91 0.42
N TYR A 448 3.63 -12.22 -0.24
CA TYR A 448 3.50 -13.50 -0.93
C TYR A 448 3.38 -13.34 -2.45
N ALA A 449 3.81 -12.21 -2.98
CA ALA A 449 3.92 -11.99 -4.43
C ALA A 449 5.22 -12.60 -4.95
N THR A 450 5.38 -13.90 -4.67
CA THR A 450 6.50 -14.67 -5.15
C THR A 450 6.01 -16.09 -5.43
N SER A 451 6.91 -16.93 -5.96
CA SER A 451 6.45 -18.20 -6.50
C SER A 451 6.08 -19.19 -5.39
N LEU A 452 5.22 -20.14 -5.76
CA LEU A 452 4.86 -21.21 -4.82
C LEU A 452 6.09 -22.00 -4.38
N ASP A 453 7.03 -22.25 -5.29
CA ASP A 453 8.22 -23.00 -4.89
C ASP A 453 8.99 -22.23 -3.81
N VAL A 454 9.11 -20.91 -3.97
CA VAL A 454 9.81 -20.10 -2.98
C VAL A 454 9.04 -20.08 -1.67
N LEU A 455 7.71 -19.96 -1.73
CA LEU A 455 6.92 -19.96 -0.51
C LEU A 455 7.02 -21.28 0.23
N GLN A 456 7.06 -22.41 -0.50
CA GLN A 456 7.27 -23.70 0.15
C GLN A 456 8.59 -23.72 0.90
N ALA A 457 9.66 -23.23 0.27
CA ALA A 457 10.95 -23.16 0.93
C ALA A 457 10.88 -22.26 2.17
N ALA A 458 10.18 -21.14 2.06
CA ALA A 458 10.08 -20.23 3.21
C ALA A 458 9.33 -20.87 4.36
N VAL A 459 8.23 -21.57 4.06
CA VAL A 459 7.46 -22.22 5.12
C VAL A 459 8.30 -23.25 5.86
N GLU A 460 9.09 -24.04 5.12
CA GLU A 460 9.95 -25.01 5.80
C GLU A 460 10.91 -24.31 6.75
N LYS A 461 11.48 -23.18 6.32
CA LYS A 461 12.43 -22.48 7.17
C LYS A 461 11.74 -21.85 8.37
N ILE A 462 10.56 -21.25 8.16
CA ILE A 462 9.86 -20.65 9.29
C ILE A 462 9.50 -21.71 10.31
N ARG A 463 8.99 -22.85 9.84
CA ARG A 463 8.66 -23.94 10.75
C ARG A 463 9.87 -24.38 11.55
N LYS A 464 11.01 -24.58 10.88
CA LYS A 464 12.22 -25.00 11.57
C LYS A 464 12.70 -23.93 12.54
N ALA A 465 12.53 -22.67 12.19
CA ALA A 465 12.96 -21.58 13.05
C ALA A 465 12.15 -21.53 14.35
N LEU A 466 10.87 -21.87 14.29
CA LEU A 466 10.01 -21.80 15.47
C LEU A 466 9.98 -23.11 16.26
N GLU A 467 10.36 -24.22 15.64
CA GLU A 467 10.31 -25.52 16.31
C GLU A 467 11.00 -25.54 17.67
N PRO A 468 12.20 -25.00 17.85
CA PRO A 468 12.86 -25.09 19.15
C PRO A 468 12.39 -24.06 20.15
N LEU A 469 11.54 -23.12 19.74
CA LEU A 469 11.07 -22.07 20.62
C LEU A 469 9.77 -22.51 21.30
N ARG A 470 9.11 -21.61 22.01
CA ARG A 470 7.90 -21.97 22.75
C ARG A 470 6.85 -20.86 22.61
N ALA A 471 5.60 -21.27 22.64
CA ALA A 471 4.47 -20.35 22.52
C ALA A 471 3.75 -20.27 23.86
N THR A 472 3.53 -19.05 24.34
CA THR A 472 2.68 -18.86 25.50
C THR A 472 1.25 -19.23 25.13
N VAL A 473 0.46 -19.54 26.16
CA VAL A 473 -0.93 -19.97 25.94
C VAL A 473 -1.90 -19.02 26.63
#